data_6YW0
#
_entry.id   6YW0
#
_cell.length_a   110.927
_cell.length_b   110.927
_cell.length_c   39.660
_cell.angle_alpha   90.000
_cell.angle_beta   90.000
_cell.angle_gamma   120.000
#
_symmetry.space_group_name_H-M   'P 63'
#
loop_
_entity.id
_entity.type
_entity.pdbx_description
1 polymer 'Egl nine homolog 1'
2 non-polymer 'FE (III) ION'
3 non-polymer '4-(isoquinolin-3-ylamino)-4-oxobutanoic acid'
4 non-polymer 'BICARBONATE ION'
5 water water
#
_entity_poly.entity_id   1
_entity_poly.type   'polypeptide(L)'
_entity_poly.pdbx_seq_one_letter_code
;GSHMASPNGQT(MLY)PLPAL(MLY)LALEYIVPCMN(MLY)HGICVVDDFLG(MLY)ETGQQIGDEVRALHDTG(MLY)
FTDGQLVSQ(MLY)SDSS(MLY)DIRGD(MLY)ITWIEG(MLY)EPGCETIGLLMSSMDDLIRHCNG(MLY)LGSY
(MLY)INGRT(MLY)AMVACYPGNGTGYVRHVDNPNGDGRCVTCIYYLN(MLY)DWDA(MLY)VSGGILRIFPEG(MLY)
AQFADIEP(MLY)FDRLLFFWSDRRNPHEVQPAYATRYAITVWYFDADERARA(MLY)V(MLY)YLTGE(MLY)GVRVEL
N(MLY)PSDSVG(MLY)DVF
;
_entity_poly.pdbx_strand_id   A
#
# COMPACT_ATOMS: atom_id res chain seq x y z
N LEU A 14 -21.41 -0.26 1.21
CA LEU A 14 -21.52 -1.59 0.63
C LEU A 14 -20.80 -2.62 1.51
N PRO A 15 -21.42 -3.76 1.79
CA PRO A 15 -20.79 -4.74 2.69
C PRO A 15 -19.55 -5.36 2.07
N ALA A 16 -18.62 -5.74 2.94
CA ALA A 16 -17.33 -6.25 2.48
C ALA A 16 -17.49 -7.50 1.63
N LEU A 17 -18.43 -8.38 1.98
CA LEU A 17 -18.59 -9.63 1.27
C LEU A 17 -19.11 -9.40 -0.15
N LEU A 19 -18.74 -6.63 -1.89
CA LEU A 19 -17.65 -5.99 -2.60
C LEU A 19 -16.63 -7.03 -3.05
N ALA A 20 -16.32 -7.97 -2.17
CA ALA A 20 -15.33 -8.99 -2.46
C ALA A 20 -15.79 -9.90 -3.59
N LEU A 21 -17.01 -10.44 -3.47
CA LEU A 21 -17.44 -11.46 -4.43
C LEU A 21 -17.82 -10.85 -5.77
N GLU A 22 -18.47 -9.69 -5.77
CA GLU A 22 -19.01 -9.13 -7.01
C GLU A 22 -18.00 -8.29 -7.78
N TYR A 23 -16.94 -7.79 -7.14
CA TYR A 23 -15.97 -6.98 -7.86
C TYR A 23 -14.52 -7.41 -7.64
N ILE A 24 -14.07 -7.46 -6.38
CA ILE A 24 -12.63 -7.61 -6.14
C ILE A 24 -12.11 -8.92 -6.70
N VAL A 25 -12.83 -10.01 -6.45
CA VAL A 25 -12.36 -11.33 -6.87
C VAL A 25 -12.33 -11.42 -8.40
N PRO A 26 -13.45 -11.16 -9.09
CA PRO A 26 -13.41 -11.21 -10.56
C PRO A 26 -12.36 -10.29 -11.15
N CYS A 27 -12.27 -9.07 -10.64
CA CYS A 27 -11.34 -8.09 -11.20
C CYS A 27 -9.89 -8.49 -10.96
N MET A 28 -9.57 -9.02 -9.78
CA MET A 28 -8.20 -9.45 -9.52
C MET A 28 -7.83 -10.63 -10.42
N ASN A 29 -8.75 -11.57 -10.60
CA ASN A 29 -8.44 -12.73 -11.41
C ASN A 29 -8.37 -12.38 -12.90
N HIS A 31 -7.64 -8.93 -14.26
CA HIS A 31 -6.62 -7.93 -14.58
C HIS A 31 -5.46 -7.89 -13.61
N GLY A 32 -5.66 -8.39 -12.38
CA GLY A 32 -4.62 -8.31 -11.37
C GLY A 32 -4.46 -6.94 -10.75
N ILE A 33 -5.34 -5.99 -11.08
CA ILE A 33 -5.35 -4.65 -10.49
C ILE A 33 -6.79 -4.29 -10.24
N CYS A 34 -7.11 -3.82 -9.03
N CYS A 34 -7.11 -3.84 -9.03
CA CYS A 34 -8.49 -3.52 -8.68
CA CYS A 34 -8.47 -3.55 -8.62
C CYS A 34 -8.56 -2.29 -7.81
C CYS A 34 -8.52 -2.25 -7.82
N VAL A 35 -9.45 -1.37 -8.19
CA VAL A 35 -9.62 -0.09 -7.52
C VAL A 35 -11.04 -0.01 -6.96
N VAL A 36 -11.15 0.31 -5.67
CA VAL A 36 -12.42 0.49 -4.99
C VAL A 36 -12.49 1.90 -4.46
N ASP A 37 -13.42 2.69 -4.97
CA ASP A 37 -13.56 4.08 -4.53
C ASP A 37 -14.62 4.18 -3.45
N ASP A 38 -14.46 5.18 -2.58
CA ASP A 38 -15.35 5.40 -1.45
C ASP A 38 -15.44 4.14 -0.58
N PHE A 39 -14.29 3.76 -0.02
CA PHE A 39 -14.20 2.50 0.71
C PHE A 39 -14.82 2.61 2.10
N LEU A 40 -14.55 3.69 2.83
CA LEU A 40 -15.04 3.87 4.18
C LEU A 40 -15.97 5.05 4.36
N GLY A 41 -16.07 5.96 3.40
CA GLY A 41 -16.89 7.14 3.54
C GLY A 41 -16.09 8.34 4.03
N GLU A 43 -16.51 10.54 6.68
CA GLU A 43 -16.24 10.67 8.12
C GLU A 43 -15.00 9.86 8.51
N THR A 44 -15.07 8.55 8.25
CA THR A 44 -13.97 7.66 8.58
C THR A 44 -12.69 8.07 7.84
N GLY A 45 -12.80 8.39 6.56
CA GLY A 45 -11.62 8.74 5.79
C GLY A 45 -10.94 9.99 6.33
N GLN A 46 -11.72 11.01 6.66
CA GLN A 46 -11.16 12.23 7.20
C GLN A 46 -10.50 11.97 8.55
N GLN A 47 -11.09 11.10 9.37
CA GLN A 47 -10.46 10.80 10.65
C GLN A 47 -9.16 10.02 10.47
N ILE A 48 -9.11 9.13 9.48
CA ILE A 48 -7.85 8.46 9.16
C ILE A 48 -6.81 9.48 8.74
N GLY A 49 -7.19 10.41 7.86
CA GLY A 49 -6.29 11.46 7.46
C GLY A 49 -5.78 12.27 8.64
N ASP A 50 -6.68 12.56 9.59
CA ASP A 50 -6.28 13.32 10.77
C ASP A 50 -5.29 12.55 11.61
N GLU A 51 -5.50 11.24 11.79
CA GLU A 51 -4.57 10.44 12.58
C GLU A 51 -3.21 10.37 11.90
N VAL A 52 -3.17 10.21 10.58
CA VAL A 52 -1.90 10.17 9.87
C VAL A 52 -1.19 11.51 9.97
N ARG A 53 -1.94 12.61 9.83
CA ARG A 53 -1.34 13.93 9.96
C ARG A 53 -0.84 14.18 11.37
N ALA A 54 -1.51 13.60 12.38
CA ALA A 54 -1.02 13.70 13.75
C ALA A 54 0.31 12.97 13.89
N LEU A 55 0.39 11.75 13.36
CA LEU A 55 1.66 11.03 13.37
C LEU A 55 2.76 11.86 12.74
N HIS A 56 2.47 12.47 11.59
CA HIS A 56 3.47 13.33 10.94
C HIS A 56 3.85 14.51 11.86
N ASP A 57 2.85 15.16 12.45
CA ASP A 57 3.11 16.29 13.33
C ASP A 57 3.90 15.86 14.55
N THR A 58 3.63 14.66 15.06
CA THR A 58 4.29 14.16 16.25
C THR A 58 5.73 13.69 15.99
N GLY A 59 6.15 13.64 14.73
CA GLY A 59 7.50 13.25 14.40
C GLY A 59 7.69 11.76 14.26
N PHE A 61 7.25 9.85 11.80
CA PHE A 61 7.77 9.41 10.50
C PHE A 61 9.30 9.46 10.46
N THR A 62 9.88 8.78 9.48
CA THR A 62 11.30 8.92 9.17
C THR A 62 11.55 10.24 8.45
N ASP A 63 12.84 10.54 8.24
CA ASP A 63 13.20 11.74 7.51
C ASP A 63 12.94 11.60 6.01
N GLY A 64 12.79 10.37 5.52
CA GLY A 64 12.53 10.12 4.12
C GLY A 64 13.73 9.47 3.44
N GLN A 65 13.45 8.83 2.31
CA GLN A 65 14.48 8.13 1.57
C GLN A 65 15.43 9.13 0.92
N LEU A 66 16.73 8.87 1.04
CA LEU A 66 17.73 9.71 0.42
C LEU A 66 17.72 9.53 -1.09
N VAL A 67 17.43 10.61 -1.82
CA VAL A 67 17.36 10.57 -3.27
C VAL A 67 18.65 11.04 -3.91
N SER A 68 19.26 12.11 -3.37
CA SER A 68 20.51 12.64 -3.92
C SER A 68 21.43 13.00 -2.77
N GLN A 69 22.60 12.37 -2.73
CA GLN A 69 23.61 12.66 -1.71
C GLN A 69 24.47 13.86 -2.09
N SER A 71 27.39 16.93 -0.77
CA SER A 71 28.40 16.90 0.25
C SER A 71 27.94 17.75 1.47
N ASP A 72 27.33 18.92 1.32
CA ASP A 72 26.69 19.52 2.52
C ASP A 72 25.47 18.69 2.89
N SER A 73 25.55 17.90 3.94
CA SER A 73 24.42 17.01 4.14
C SER A 73 23.12 17.79 4.41
N SER A 74 23.19 19.08 4.68
CA SER A 74 21.95 19.84 4.83
C SER A 74 21.22 20.05 3.50
N ASP A 76 20.95 17.63 1.22
CA ASP A 76 20.50 16.33 0.74
C ASP A 76 18.97 16.31 0.61
N ILE A 77 18.49 15.84 -0.53
CA ILE A 77 17.05 15.67 -0.76
C ILE A 77 16.61 14.34 -0.14
N ARG A 78 15.38 14.33 0.37
CA ARG A 78 14.81 13.14 1.02
C ARG A 78 13.39 12.94 0.49
N GLY A 79 13.05 11.70 0.13
CA GLY A 79 11.75 11.43 -0.47
C GLY A 79 10.75 10.82 0.49
N ASP A 80 10.22 9.65 0.12
CA ASP A 80 9.13 9.03 0.87
C ASP A 80 9.52 8.73 2.31
N ILE A 82 8.42 6.95 5.95
CA ILE A 82 7.57 5.85 6.36
C ILE A 82 7.46 5.76 7.87
N THR A 83 6.40 5.10 8.31
CA THR A 83 6.28 4.69 9.70
C THR A 83 5.46 3.41 9.73
N TRP A 84 5.86 2.49 10.59
CA TRP A 84 5.16 1.22 10.73
C TRP A 84 4.12 1.32 11.82
N ILE A 85 2.90 0.89 11.51
CA ILE A 85 1.75 1.03 12.40
C ILE A 85 1.12 -0.34 12.58
N GLU A 86 1.02 -0.80 13.83
CA GLU A 86 0.33 -2.04 14.11
C GLU A 86 -1.18 -1.88 14.11
N GLY A 87 -1.67 -0.73 14.58
CA GLY A 87 -3.09 -0.45 14.57
C GLY A 87 -3.71 -0.38 15.95
N GLU A 89 -1.85 1.38 18.50
CA GLU A 89 -1.16 2.47 19.16
C GLU A 89 -2.15 3.57 19.53
N PRO A 90 -1.80 4.42 20.50
CA PRO A 90 -2.72 5.49 20.90
C PRO A 90 -2.89 6.51 19.78
N GLY A 91 -4.14 6.85 19.49
CA GLY A 91 -4.43 7.75 18.39
C GLY A 91 -4.25 7.13 17.03
N CYS A 92 -4.44 5.81 16.93
CA CYS A 92 -4.34 5.11 15.65
C CYS A 92 -5.47 4.09 15.48
N GLU A 93 -6.55 4.21 16.26
CA GLU A 93 -7.57 3.17 16.24
C GLU A 93 -8.39 3.20 14.96
N THR A 94 -8.51 4.36 14.30
CA THR A 94 -9.15 4.39 12.99
C THR A 94 -8.29 3.72 11.94
N ILE A 95 -6.96 3.87 12.03
CA ILE A 95 -6.05 3.11 11.18
C ILE A 95 -6.25 1.62 11.42
N GLY A 96 -6.39 1.23 12.69
CA GLY A 96 -6.65 -0.17 13.01
C GLY A 96 -7.95 -0.65 12.42
N LEU A 97 -8.97 0.19 12.44
CA LEU A 97 -10.23 -0.25 11.84
C LEU A 97 -10.09 -0.34 10.31
N LEU A 98 -9.33 0.56 9.70
CA LEU A 98 -9.04 0.40 8.26
C LEU A 98 -8.41 -0.96 8.00
N MET A 99 -7.43 -1.34 8.81
CA MET A 99 -6.77 -2.61 8.53
C MET A 99 -7.66 -3.80 8.86
N SER A 100 -8.50 -3.70 9.89
CA SER A 100 -9.45 -4.78 10.13
C SER A 100 -10.46 -4.89 8.99
N SER A 101 -10.83 -3.77 8.37
CA SER A 101 -11.73 -3.81 7.22
C SER A 101 -11.05 -4.45 6.01
N MET A 102 -9.80 -4.09 5.75
CA MET A 102 -9.04 -4.75 4.69
C MET A 102 -8.92 -6.25 4.96
N ASP A 103 -8.69 -6.61 6.23
CA ASP A 103 -8.63 -8.01 6.61
C ASP A 103 -9.96 -8.71 6.36
N ASP A 104 -11.08 -8.04 6.68
CA ASP A 104 -12.40 -8.61 6.41
C ASP A 104 -12.57 -8.86 4.92
N LEU A 105 -12.20 -7.88 4.10
CA LEU A 105 -12.26 -8.04 2.64
C LEU A 105 -11.49 -9.28 2.21
N ILE A 106 -10.20 -9.35 2.59
CA ILE A 106 -9.37 -10.48 2.15
C ILE A 106 -9.93 -11.79 2.69
N ARG A 107 -10.46 -11.78 3.91
CA ARG A 107 -11.02 -13.00 4.50
C ARG A 107 -12.20 -13.50 3.69
N HIS A 108 -13.09 -12.59 3.28
CA HIS A 108 -14.21 -12.98 2.44
C HIS A 108 -13.77 -13.45 1.06
N CYS A 109 -12.55 -13.09 0.63
CA CYS A 109 -12.00 -13.57 -0.62
C CYS A 109 -11.30 -14.92 -0.48
N ASN A 110 -11.39 -15.55 0.69
CA ASN A 110 -10.63 -16.77 0.99
C ASN A 110 -10.66 -17.76 -0.15
N GLY A 111 -9.49 -18.06 -0.69
CA GLY A 111 -9.33 -19.12 -1.68
C GLY A 111 -9.75 -18.79 -3.09
N LEU A 113 -8.93 -15.75 -4.84
CA LEU A 113 -7.93 -14.99 -5.60
C LEU A 113 -6.80 -15.92 -6.00
N GLY A 114 -6.73 -16.22 -7.29
CA GLY A 114 -5.76 -17.19 -7.76
C GLY A 114 -5.90 -18.49 -6.99
N SER A 115 -4.76 -19.14 -6.78
CA SER A 115 -4.71 -20.36 -5.98
C SER A 115 -4.25 -20.10 -4.56
N TYR A 116 -4.06 -18.84 -4.18
CA TYR A 116 -3.46 -18.49 -2.91
C TYR A 116 -4.38 -18.73 -1.71
N ILE A 118 -4.51 -17.07 1.81
CA ILE A 118 -3.92 -15.95 2.53
C ILE A 118 -4.02 -16.21 4.02
N ASN A 119 -2.87 -16.34 4.66
CA ASN A 119 -2.81 -16.75 6.06
C ASN A 119 -2.28 -15.68 7.00
N GLY A 120 -1.85 -14.53 6.48
CA GLY A 120 -1.31 -13.49 7.32
C GLY A 120 -1.07 -12.23 6.53
N ARG A 121 -0.62 -11.20 7.23
CA ARG A 121 -0.31 -9.92 6.61
C ARG A 121 0.80 -9.25 7.41
N THR A 122 1.34 -8.18 6.83
CA THR A 122 2.33 -7.36 7.51
C THR A 122 1.65 -6.30 8.35
N ALA A 124 1.07 -2.23 8.97
CA ALA A 124 0.81 -1.22 7.97
C ALA A 124 2.02 -0.32 7.78
N MET A 125 2.44 -0.14 6.53
N MET A 125 2.42 -0.13 6.52
CA MET A 125 3.47 0.84 6.19
CA MET A 125 3.46 0.84 6.17
C MET A 125 2.75 2.12 5.76
C MET A 125 2.76 2.12 5.75
N VAL A 126 2.89 3.17 6.56
CA VAL A 126 2.28 4.47 6.28
C VAL A 126 3.35 5.31 5.62
N ALA A 127 3.10 5.72 4.38
CA ALA A 127 4.05 6.46 3.58
C ALA A 127 3.55 7.89 3.39
N CYS A 128 4.50 8.83 3.45
CA CYS A 128 4.24 10.25 3.28
C CYS A 128 5.25 10.81 2.30
N TYR A 129 4.80 11.14 1.11
CA TYR A 129 5.63 11.90 0.18
C TYR A 129 5.52 13.38 0.53
N PRO A 130 6.62 14.05 0.86
CA PRO A 130 6.51 15.40 1.45
C PRO A 130 5.95 16.44 0.50
N GLY A 131 5.89 16.16 -0.80
CA GLY A 131 5.47 17.16 -1.76
C GLY A 131 6.59 18.02 -2.27
N ASN A 132 7.83 17.51 -2.26
CA ASN A 132 9.00 18.26 -2.70
C ASN A 132 9.50 17.76 -4.07
N GLY A 133 8.60 17.23 -4.89
CA GLY A 133 8.97 16.74 -6.20
C GLY A 133 9.59 15.36 -6.23
N THR A 134 9.62 14.65 -5.11
CA THR A 134 10.17 13.31 -5.08
C THR A 134 9.08 12.29 -5.42
N GLY A 135 9.47 11.23 -6.12
CA GLY A 135 8.58 10.13 -6.39
C GLY A 135 9.13 8.83 -5.83
N TYR A 136 8.94 7.74 -6.56
CA TYR A 136 9.49 6.44 -6.19
C TYR A 136 9.80 5.71 -7.48
N VAL A 137 11.02 5.18 -7.60
CA VAL A 137 11.44 4.60 -8.88
C VAL A 137 10.71 3.29 -9.13
N ARG A 138 10.62 2.93 -10.41
CA ARG A 138 9.99 1.68 -10.80
C ARG A 138 10.62 0.50 -10.07
N HIS A 139 9.77 -0.41 -9.59
CA HIS A 139 10.23 -1.53 -8.79
C HIS A 139 9.14 -2.59 -8.77
N VAL A 140 9.48 -3.74 -8.19
CA VAL A 140 8.54 -4.82 -7.92
C VAL A 140 8.53 -5.04 -6.42
N ASP A 141 7.32 -5.16 -5.85
CA ASP A 141 7.20 -5.29 -4.40
C ASP A 141 7.86 -6.57 -3.91
N ASN A 142 7.54 -7.70 -4.54
CA ASN A 142 8.06 -9.01 -4.14
C ASN A 142 8.67 -9.71 -5.35
N PRO A 143 9.96 -9.48 -5.62
CA PRO A 143 10.57 -10.08 -6.81
C PRO A 143 11.21 -11.45 -6.57
N ASN A 144 11.48 -11.81 -5.32
CA ASN A 144 12.23 -13.03 -5.02
C ASN A 144 11.40 -14.03 -4.22
N GLY A 145 10.09 -14.02 -4.41
CA GLY A 145 9.22 -14.99 -3.75
C GLY A 145 9.37 -15.02 -2.24
N ASP A 146 9.19 -13.88 -1.60
CA ASP A 146 9.31 -13.80 -0.14
C ASP A 146 7.99 -14.06 0.57
N GLY A 147 6.93 -14.42 -0.16
CA GLY A 147 5.67 -14.84 0.43
C GLY A 147 4.54 -13.86 0.24
N ARG A 148 4.82 -12.60 -0.06
CA ARG A 148 3.76 -11.60 -0.21
C ARG A 148 3.14 -11.74 -1.60
N CYS A 149 1.82 -11.93 -1.64
CA CYS A 149 1.13 -12.12 -2.91
C CYS A 149 0.23 -10.97 -3.32
N VAL A 150 -0.29 -10.20 -2.37
CA VAL A 150 -1.23 -9.12 -2.66
C VAL A 150 -0.75 -7.85 -1.97
N THR A 151 -0.63 -6.77 -2.72
CA THR A 151 -0.39 -5.43 -2.18
C THR A 151 -1.73 -4.70 -2.08
N CYS A 152 -2.00 -4.16 -0.90
CA CYS A 152 -3.25 -3.44 -0.62
C CYS A 152 -2.90 -2.06 -0.09
N ILE A 153 -3.42 -1.02 -0.73
CA ILE A 153 -3.05 0.36 -0.45
C ILE A 153 -4.30 1.19 -0.25
N TYR A 154 -4.27 2.10 0.73
CA TYR A 154 -5.38 3.01 0.99
C TYR A 154 -4.86 4.44 0.87
N TYR A 155 -5.51 5.22 0.02
CA TYR A 155 -5.17 6.63 -0.19
C TYR A 155 -6.21 7.51 0.48
N LEU A 156 -5.73 8.61 1.08
CA LEU A 156 -6.50 9.46 1.98
C LEU A 156 -6.22 10.94 1.71
N ASN A 157 -6.01 11.30 0.45
CA ASN A 157 -5.68 12.68 0.10
C ASN A 157 -6.90 13.41 -0.47
N ASP A 159 -9.46 15.74 -2.22
CA ASP A 159 -9.49 16.57 -3.42
C ASP A 159 -8.12 16.61 -4.10
N TRP A 160 -7.52 15.45 -4.26
CA TRP A 160 -6.25 15.34 -4.97
C TRP A 160 -6.47 15.46 -6.47
N ASP A 161 -5.75 16.37 -7.11
CA ASP A 161 -5.78 16.55 -8.56
C ASP A 161 -4.39 16.25 -9.10
N ALA A 162 -4.26 15.12 -9.78
CA ALA A 162 -2.96 14.70 -10.32
C ALA A 162 -2.38 15.75 -11.27
N VAL A 164 -2.44 18.84 -11.16
CA VAL A 164 -1.82 19.94 -10.45
C VAL A 164 -0.70 19.45 -9.53
N SER A 165 -0.94 18.33 -8.85
CA SER A 165 -0.04 17.87 -7.79
C SER A 165 0.70 16.58 -8.13
N GLY A 166 0.43 15.98 -9.29
CA GLY A 166 1.14 14.77 -9.67
C GLY A 166 0.85 13.62 -8.73
N GLY A 167 1.86 12.80 -8.46
CA GLY A 167 1.72 11.71 -7.52
C GLY A 167 0.99 10.49 -8.04
N ILE A 168 0.83 10.36 -9.35
CA ILE A 168 0.15 9.21 -9.91
C ILE A 168 0.99 7.95 -9.67
N LEU A 169 0.32 6.87 -9.28
CA LEU A 169 0.95 5.55 -9.27
C LEU A 169 0.77 4.92 -10.64
N ARG A 170 1.88 4.69 -11.33
CA ARG A 170 1.87 4.08 -12.64
C ARG A 170 2.28 2.62 -12.49
N ILE A 171 1.37 1.71 -12.83
CA ILE A 171 1.64 0.28 -12.86
C ILE A 171 1.84 -0.13 -14.30
N PHE A 172 2.83 -0.99 -14.54
CA PHE A 172 3.13 -1.49 -15.86
C PHE A 172 2.81 -2.98 -15.94
N PRO A 173 1.55 -3.36 -16.06
CA PRO A 173 1.19 -4.79 -16.05
C PRO A 173 2.03 -5.60 -17.03
N GLU A 174 2.56 -6.72 -16.55
CA GLU A 174 3.36 -7.60 -17.38
C GLU A 174 2.54 -8.08 -18.58
N GLY A 175 3.15 -8.04 -19.76
CA GLY A 175 2.53 -8.58 -20.96
C GLY A 175 1.55 -7.63 -21.63
N ALA A 177 1.16 -3.72 -23.12
CA ALA A 177 1.86 -2.52 -23.53
C ALA A 177 1.46 -1.35 -22.62
N GLN A 178 0.15 -1.10 -22.55
CA GLN A 178 -0.40 0.06 -21.86
C GLN A 178 0.07 0.17 -20.42
N PHE A 179 -0.08 1.36 -19.83
CA PHE A 179 0.07 1.55 -18.39
C PHE A 179 -1.29 1.48 -17.72
N ALA A 180 -1.26 1.45 -16.38
CA ALA A 180 -2.42 1.71 -15.55
C ALA A 180 -2.06 2.86 -14.61
N ASP A 181 -2.67 4.01 -14.82
CA ASP A 181 -2.45 5.17 -13.98
C ASP A 181 -3.52 5.22 -12.90
N ILE A 182 -3.09 5.37 -11.65
CA ILE A 182 -3.97 5.35 -10.48
C ILE A 182 -3.67 6.62 -9.69
N GLU A 183 -4.63 7.55 -9.66
CA GLU A 183 -4.46 8.74 -8.84
C GLU A 183 -4.64 8.38 -7.37
N PRO A 184 -3.87 8.99 -6.46
CA PRO A 184 -3.98 8.64 -5.03
C PRO A 184 -5.19 9.28 -4.36
N PHE A 186 -8.64 10.38 -2.43
CA PHE A 186 -9.17 10.26 -1.07
C PHE A 186 -10.10 9.06 -0.96
N ASP A 187 -9.91 8.27 0.11
CA ASP A 187 -10.78 7.13 0.39
C ASP A 187 -10.71 6.08 -0.71
N ARG A 188 -9.55 5.91 -1.33
CA ARG A 188 -9.42 4.94 -2.41
C ARG A 188 -8.66 3.71 -1.91
N LEU A 189 -9.11 2.53 -2.34
CA LEU A 189 -8.47 1.27 -1.99
C LEU A 189 -7.98 0.58 -3.26
N LEU A 190 -6.77 0.04 -3.21
CA LEU A 190 -6.12 -0.55 -4.37
C LEU A 190 -5.57 -1.92 -4.01
N PHE A 191 -5.80 -2.88 -4.89
CA PHE A 191 -5.22 -4.21 -4.79
C PHE A 191 -4.45 -4.54 -6.05
N PHE A 192 -3.27 -5.12 -5.90
CA PHE A 192 -2.60 -5.68 -7.07
C PHE A 192 -1.62 -6.77 -6.65
N TRP A 193 -1.42 -7.75 -7.53
CA TRP A 193 -0.45 -8.80 -7.28
C TRP A 193 0.90 -8.16 -6.97
N SER A 194 1.59 -8.71 -5.95
CA SER A 194 2.83 -8.12 -5.49
C SER A 194 4.05 -8.55 -6.29
N ASP A 195 3.94 -9.59 -7.11
CA ASP A 195 5.11 -10.19 -7.73
C ASP A 195 5.44 -9.48 -9.05
N ARG A 196 6.15 -10.17 -9.95
CA ARG A 196 6.70 -9.54 -11.15
C ARG A 196 5.61 -9.02 -12.07
N ARG A 197 4.37 -9.47 -11.90
CA ARG A 197 3.31 -9.10 -12.82
C ARG A 197 3.00 -7.62 -12.79
N ASN A 198 3.37 -6.92 -11.72
CA ASN A 198 2.96 -5.52 -11.51
C ASN A 198 4.12 -4.68 -11.03
N PRO A 199 5.09 -4.38 -11.90
CA PRO A 199 6.05 -3.32 -11.60
C PRO A 199 5.32 -1.98 -11.54
N HIS A 200 5.83 -1.07 -10.72
CA HIS A 200 5.13 0.19 -10.54
C HIS A 200 6.10 1.26 -10.06
N GLU A 201 5.69 2.51 -10.25
CA GLU A 201 6.44 3.65 -9.75
C GLU A 201 5.46 4.76 -9.37
N VAL A 202 5.95 5.70 -8.58
CA VAL A 202 5.18 6.88 -8.19
C VAL A 202 5.81 8.09 -8.86
N GLN A 203 5.03 8.79 -9.67
CA GLN A 203 5.51 9.99 -10.31
C GLN A 203 5.67 11.11 -9.26
N PRO A 204 6.48 12.12 -9.57
CA PRO A 204 6.78 13.14 -8.56
C PRO A 204 5.52 13.78 -8.00
N ALA A 205 5.52 13.95 -6.68
CA ALA A 205 4.41 14.57 -5.97
C ALA A 205 4.81 15.98 -5.56
N TYR A 206 3.96 16.95 -5.89
CA TYR A 206 4.18 18.34 -5.55
C TYR A 206 3.26 18.80 -4.43
N ALA A 207 2.53 17.88 -3.81
CA ALA A 207 1.79 18.13 -2.59
C ALA A 207 1.99 16.93 -1.68
N THR A 208 1.68 17.13 -0.40
CA THR A 208 1.81 16.05 0.57
C THR A 208 0.90 14.90 0.19
N ARG A 209 1.47 13.70 0.01
CA ARG A 209 0.75 12.54 -0.47
C ARG A 209 0.88 11.42 0.53
N TYR A 210 -0.24 10.98 1.10
CA TYR A 210 -0.25 9.93 2.10
C TYR A 210 -0.81 8.63 1.51
N ALA A 211 -0.25 7.51 1.95
CA ALA A 211 -0.79 6.21 1.59
C ALA A 211 -0.54 5.22 2.72
N ILE A 212 -1.41 4.23 2.83
CA ILE A 212 -1.30 3.19 3.84
C ILE A 212 -1.28 1.85 3.10
N THR A 213 -0.19 1.10 3.24
CA THR A 213 0.01 -0.14 2.52
C THR A 213 0.06 -1.32 3.47
N VAL A 214 -0.53 -2.43 3.03
CA VAL A 214 -0.46 -3.71 3.75
C VAL A 214 -0.22 -4.79 2.71
N TRP A 215 0.68 -5.71 3.04
CA TRP A 215 0.97 -6.86 2.18
C TRP A 215 0.40 -8.13 2.82
N TYR A 216 -0.23 -8.96 2.01
CA TYR A 216 -0.86 -10.20 2.46
C TYR A 216 -0.04 -11.40 2.02
N PHE A 217 0.08 -12.39 2.90
CA PHE A 217 0.95 -13.53 2.71
C PHE A 217 0.16 -14.74 2.22
N ASP A 218 0.64 -15.34 1.12
CA ASP A 218 0.23 -16.69 0.76
C ASP A 218 0.95 -17.70 1.66
N ALA A 219 0.19 -18.68 2.14
CA ALA A 219 0.71 -19.56 3.18
C ALA A 219 1.89 -20.40 2.69
N ASP A 220 1.77 -20.97 1.49
CA ASP A 220 2.81 -21.87 0.99
C ASP A 220 4.08 -21.10 0.67
N GLU A 221 3.94 -19.97 -0.03
CA GLU A 221 5.11 -19.18 -0.40
C GLU A 221 5.87 -18.71 0.83
N ARG A 222 5.14 -18.19 1.84
CA ARG A 222 5.81 -17.76 3.06
C ARG A 222 6.43 -18.96 3.79
N ALA A 223 5.75 -20.10 3.77
CA ALA A 223 6.27 -21.29 4.46
C ALA A 223 7.63 -21.68 3.89
N ARG A 224 7.76 -21.72 2.57
CA ARG A 224 9.06 -22.10 2.01
C ARG A 224 10.05 -20.93 1.96
N ALA A 225 9.58 -19.70 2.08
CA ALA A 225 10.48 -18.56 2.19
C ALA A 225 11.15 -18.55 3.57
N VAL A 227 12.58 -20.70 5.19
CA VAL A 227 13.84 -21.45 5.26
C VAL A 227 15.04 -20.51 5.19
N TYR A 229 15.24 -17.74 6.23
CA TYR A 229 15.30 -17.05 7.52
C TYR A 229 15.76 -17.98 8.62
N LEU A 230 16.15 -19.21 8.27
CA LEU A 230 16.44 -20.18 9.31
C LEU A 230 17.60 -19.70 10.21
N THR A 231 18.70 -19.24 9.62
CA THR A 231 19.84 -18.77 10.42
C THR A 231 19.42 -17.86 11.57
N ARG A 237 15.12 -21.53 14.49
CA ARG A 237 16.36 -21.81 15.20
C ARG A 237 16.07 -22.32 16.61
N VAL A 238 16.60 -23.51 16.91
CA VAL A 238 16.38 -24.17 18.19
C VAL A 238 17.72 -24.64 18.72
N GLU A 239 17.95 -24.42 20.02
CA GLU A 239 19.18 -24.82 20.68
C GLU A 239 19.37 -26.33 20.59
N LEU A 240 20.62 -26.77 20.77
CA LEU A 240 20.91 -28.18 20.91
C LEU A 240 21.11 -28.48 22.39
#